data_7XEP
#
_entry.id   7XEP
#
_cell.length_a   94.100
_cell.length_b   94.100
_cell.length_c   131.500
_cell.angle_alpha   90.000
_cell.angle_beta   90.000
_cell.angle_gamma   120.000
#
_symmetry.space_group_name_H-M   'P 31 2 1'
#
loop_
_entity.id
_entity.type
_entity.pdbx_description
1 polymer 'Cysteine desulfurase SufS'
2 non-polymer DI(HYDROXYETHYL)ETHER
3 non-polymer '[6-methyl-4-[[(5-methyl-2-oxidanylidene-furan-3-ylidene)amino]methyl]-5-oxidanyl-pyridin-3-yl]methyl dihydrogen phosphate'
4 non-polymer 1,2-ETHANEDIOL
5 water water
#
_entity_poly.entity_id   1
_entity_poly.type   'polypeptide(L)'
_entity_poly.pdbx_seq_one_letter_code
;MGHMNITDIREQFPILHQQVNGHDLVYLDSAATSQKPRAVIETLDKYYNQYNSNVHRGVHTLGTRATDGYEGAREKVRKF
INAKSMAEIIFTKGTTTSLNMVALSYARANLKPGDEVVITYMEHHANIIPWQQAVKATGATLKYIPLQEDGTISLEDVRE
TVTSNTKIVAVSHVSNVLGTVNPIKEMAKIAHDNGAVIVVDGAQSTPHMKIDVQDLDCDFFALSSHKMCGPTGVGVLYGK
KALLENMEPAEFGGEMIDFVGLYESTWKELPWKFEAGTPIIAGAIGLGAAIDFLEEIGLDEISRHEHKLAAYALERFRQL
DGVTVYGPEERAGLVTFNLDDVHPHDVATVLDAEGIAVRAGHHCAQPLMKWLDVTATARASFYLYNTEEEIDKLVEALQK
TKEYFTNVFVDLEHHHHHH
;
_entity_poly.pdbx_strand_id   A
#
# COMPACT_ATOMS: atom_id res chain seq x y z
N GLY A 2 6.15 -0.61 26.63
CA GLY A 2 5.73 0.42 25.64
C GLY A 2 6.74 0.61 24.50
N HIS A 3 7.87 1.30 24.80
CA HIS A 3 8.78 1.90 23.81
C HIS A 3 9.51 0.78 23.04
N MET A 4 9.51 0.82 21.71
CA MET A 4 10.06 -0.34 21.01
C MET A 4 11.57 -0.35 21.16
N ASN A 5 12.11 -1.54 21.31
CA ASN A 5 13.54 -1.71 21.32
C ASN A 5 14.00 -2.14 19.91
N ILE A 6 14.79 -1.31 19.18
CA ILE A 6 15.03 -1.66 17.77
C ILE A 6 15.96 -2.86 17.69
N THR A 7 16.96 -3.00 18.60
CA THR A 7 17.77 -4.22 18.65
C THR A 7 16.90 -5.49 18.68
N ASP A 8 15.96 -5.53 19.61
CA ASP A 8 15.15 -6.74 19.76
C ASP A 8 14.20 -6.91 18.54
N ILE A 9 13.74 -5.82 17.91
CA ILE A 9 12.93 -6.01 16.70
CA ILE A 9 12.94 -5.91 16.67
C ILE A 9 13.82 -6.56 15.57
N ARG A 10 15.02 -5.98 15.38
CA ARG A 10 15.86 -6.43 14.20
C ARG A 10 16.25 -7.92 14.35
N GLU A 11 16.46 -8.37 15.63
CA GLU A 11 16.82 -9.76 15.88
C GLU A 11 15.77 -10.73 15.30
N GLN A 12 14.52 -10.28 15.10
CA GLN A 12 13.50 -11.23 14.58
C GLN A 12 13.45 -11.31 13.04
N PHE A 13 14.30 -10.53 12.30
CA PHE A 13 14.27 -10.53 10.83
C PHE A 13 15.57 -11.16 10.31
N PRO A 14 15.62 -12.46 10.01
CA PRO A 14 16.89 -13.13 9.64
C PRO A 14 17.56 -12.50 8.43
N ILE A 15 16.78 -11.90 7.51
CA ILE A 15 17.40 -11.42 6.25
C ILE A 15 18.30 -10.18 6.51
N LEU A 16 18.10 -9.46 7.63
CA LEU A 16 18.92 -8.23 7.86
C LEU A 16 20.39 -8.56 8.21
N HIS A 17 20.66 -9.82 8.57
CA HIS A 17 21.98 -10.13 9.14
C HIS A 17 22.89 -10.77 8.07
N GLN A 18 23.31 -10.00 7.05
CA GLN A 18 24.15 -10.52 5.97
C GLN A 18 24.93 -9.36 5.36
N GLN A 19 26.00 -9.70 4.60
CA GLN A 19 26.72 -8.64 3.89
C GLN A 19 26.46 -8.69 2.38
N VAL A 20 26.52 -7.51 1.75
CA VAL A 20 26.45 -7.37 0.30
C VAL A 20 27.72 -6.67 -0.15
N ASN A 21 28.43 -7.26 -1.13
CA ASN A 21 29.68 -6.63 -1.61
C ASN A 21 30.65 -6.33 -0.48
N GLY A 22 30.71 -7.16 0.55
CA GLY A 22 31.69 -6.99 1.62
C GLY A 22 31.32 -5.93 2.67
N HIS A 23 30.06 -5.44 2.71
CA HIS A 23 29.61 -4.46 3.67
C HIS A 23 28.30 -4.93 4.34
N ASP A 24 28.08 -4.57 5.60
CA ASP A 24 26.77 -4.95 6.20
C ASP A 24 25.62 -4.43 5.33
N LEU A 25 24.58 -5.30 5.13
CA LEU A 25 23.39 -4.84 4.37
C LEU A 25 22.76 -3.64 5.11
N VAL A 26 22.37 -2.61 4.33
CA VAL A 26 21.52 -1.52 4.82
C VAL A 26 20.32 -1.47 3.86
N TYR A 27 19.17 -2.05 4.35
CA TYR A 27 18.02 -2.18 3.44
C TYR A 27 17.08 -0.96 3.66
N LEU A 28 17.02 -0.06 2.66
CA LEU A 28 16.22 1.18 2.74
C LEU A 28 15.26 1.21 1.57
N ASP A 29 14.54 0.05 1.34
CA ASP A 29 13.65 -0.07 0.18
C ASP A 29 12.34 -0.74 0.65
N SER A 30 11.87 -0.40 1.88
CA SER A 30 10.59 -1.03 2.35
C SER A 30 9.35 -0.48 1.68
N ALA A 31 9.40 0.69 1.00
CA ALA A 31 8.21 1.05 0.21
C ALA A 31 8.07 0.17 -1.04
N ALA A 32 9.17 -0.44 -1.56
CA ALA A 32 9.01 -1.40 -2.66
C ALA A 32 8.57 -2.76 -2.08
N THR A 33 9.20 -3.25 -1.02
CA THR A 33 8.59 -4.41 -0.30
C THR A 33 9.23 -4.41 1.09
N SER A 34 8.49 -5.03 2.07
CA SER A 34 9.04 -5.11 3.42
C SER A 34 9.66 -6.50 3.66
N GLN A 35 10.54 -6.53 4.69
CA GLN A 35 11.11 -7.82 5.14
C GLN A 35 10.19 -8.46 6.20
N LYS A 36 10.36 -9.80 6.43
CA LYS A 36 9.40 -10.53 7.31
C LYS A 36 10.10 -11.03 8.59
N PRO A 37 9.37 -11.03 9.73
CA PRO A 37 9.94 -11.61 10.97
C PRO A 37 9.74 -13.13 11.04
N ARG A 38 10.48 -13.77 11.95
CA ARG A 38 10.30 -15.22 12.04
C ARG A 38 8.87 -15.58 12.42
N ALA A 39 8.14 -14.73 13.17
CA ALA A 39 6.74 -15.12 13.46
C ALA A 39 5.89 -15.37 12.19
N VAL A 40 6.12 -14.62 11.13
CA VAL A 40 5.34 -14.87 9.90
C VAL A 40 5.91 -16.05 9.12
N ILE A 41 7.24 -16.11 8.94
CA ILE A 41 7.83 -17.23 8.15
C ILE A 41 7.49 -18.59 8.82
N GLU A 42 7.50 -18.64 10.17
CA GLU A 42 7.20 -19.92 10.85
C GLU A 42 5.69 -20.20 10.82
N THR A 43 4.86 -19.17 10.59
CA THR A 43 3.39 -19.40 10.37
C THR A 43 3.19 -20.18 9.05
N LEU A 44 3.88 -19.74 7.99
CA LEU A 44 3.74 -20.45 6.71
C LEU A 44 4.30 -21.87 6.92
N ASP A 45 5.45 -22.02 7.62
CA ASP A 45 5.97 -23.37 7.73
C ASP A 45 4.99 -24.28 8.50
N LYS A 46 4.40 -23.77 9.58
CA LYS A 46 3.53 -24.68 10.36
C LYS A 46 2.30 -25.03 9.53
N TYR A 47 1.82 -24.10 8.68
CA TYR A 47 0.64 -24.43 7.84
C TYR A 47 1.04 -25.61 6.89
N TYR A 48 2.11 -25.49 6.12
CA TYR A 48 2.44 -26.56 5.13
C TYR A 48 2.95 -27.84 5.83
N ASN A 49 3.54 -27.73 7.04
CA ASN A 49 4.04 -28.95 7.73
C ASN A 49 2.90 -29.68 8.45
N GLN A 50 1.79 -28.97 8.85
CA GLN A 50 0.85 -29.62 9.76
C GLN A 50 -0.60 -29.64 9.33
N TYR A 51 -1.15 -28.59 8.67
CA TYR A 51 -2.61 -28.59 8.52
C TYR A 51 -3.09 -28.05 7.13
N ASN A 52 -2.23 -28.05 6.10
CA ASN A 52 -2.68 -27.64 4.73
C ASN A 52 -3.81 -28.59 4.25
N SER A 53 -4.86 -28.02 3.66
CA SER A 53 -5.97 -28.78 3.07
C SER A 53 -6.84 -27.72 2.40
N ASN A 54 -7.78 -28.09 1.51
CA ASN A 54 -8.63 -27.04 0.91
C ASN A 54 -9.70 -26.66 1.96
N VAL A 55 -10.37 -25.50 1.75
CA VAL A 55 -11.20 -24.86 2.79
C VAL A 55 -12.66 -25.00 2.41
N HIS A 56 -13.49 -25.18 3.46
CA HIS A 56 -14.92 -25.40 3.31
C HIS A 56 -15.56 -25.84 4.62
N ARG A 57 -16.87 -25.49 4.71
CA ARG A 57 -17.66 -26.06 5.81
C ARG A 57 -17.73 -27.60 5.64
N GLY A 58 -17.70 -28.33 6.78
CA GLY A 58 -18.20 -29.71 6.90
C GLY A 58 -17.26 -30.73 6.25
N VAL A 59 -15.95 -30.68 6.51
CA VAL A 59 -15.04 -31.61 5.85
C VAL A 59 -14.25 -32.28 6.99
N HIS A 60 -13.15 -32.97 6.67
CA HIS A 60 -12.27 -33.75 7.56
C HIS A 60 -11.41 -32.87 8.45
N THR A 61 -10.63 -33.47 9.34
CA THR A 61 -9.99 -32.72 10.45
C THR A 61 -9.00 -31.65 9.94
N LEU A 62 -8.12 -32.04 8.98
CA LEU A 62 -7.18 -30.97 8.50
C LEU A 62 -7.95 -29.91 7.73
N GLY A 63 -8.98 -30.31 6.93
CA GLY A 63 -9.71 -29.28 6.20
C GLY A 63 -10.40 -28.29 7.18
N THR A 64 -10.91 -28.81 8.35
CA THR A 64 -11.53 -27.86 9.30
C THR A 64 -10.46 -26.89 9.89
N ARG A 65 -9.25 -27.40 10.19
CA ARG A 65 -8.19 -26.55 10.76
C ARG A 65 -7.81 -25.47 9.73
N ALA A 66 -7.68 -25.90 8.45
CA ALA A 66 -7.31 -24.85 7.44
C ALA A 66 -8.41 -23.81 7.26
N THR A 67 -9.69 -24.25 7.33
CA THR A 67 -10.79 -23.29 7.13
C THR A 67 -10.80 -22.34 8.33
N ASP A 68 -10.63 -22.91 9.59
CA ASP A 68 -10.65 -22.03 10.78
C ASP A 68 -9.49 -21.02 10.72
N GLY A 69 -8.33 -21.46 10.18
CA GLY A 69 -7.17 -20.57 9.97
C GLY A 69 -7.48 -19.41 8.99
N TYR A 70 -8.13 -19.77 7.86
CA TYR A 70 -8.35 -18.77 6.79
C TYR A 70 -9.42 -17.77 7.26
N GLU A 71 -10.57 -18.29 7.76
CA GLU A 71 -11.60 -17.34 8.21
C GLU A 71 -11.18 -16.64 9.51
N GLY A 72 -10.34 -17.27 10.33
CA GLY A 72 -9.72 -16.58 11.51
C GLY A 72 -8.92 -15.34 11.06
N ALA A 73 -8.17 -15.50 9.95
CA ALA A 73 -7.36 -14.39 9.48
C ALA A 73 -8.30 -13.28 8.94
N ARG A 74 -9.42 -13.63 8.32
CA ARG A 74 -10.36 -12.59 7.88
C ARG A 74 -10.85 -11.70 9.07
N GLU A 75 -11.10 -12.33 10.23
CA GLU A 75 -11.54 -11.57 11.42
C GLU A 75 -10.39 -10.72 11.95
N LYS A 76 -9.14 -11.25 11.89
CA LYS A 76 -8.05 -10.37 12.32
CA LYS A 76 -8.02 -10.41 12.28
C LYS A 76 -7.95 -9.14 11.42
N VAL A 77 -8.15 -9.28 10.12
CA VAL A 77 -8.13 -8.10 9.24
C VAL A 77 -9.29 -7.12 9.57
N ARG A 78 -10.48 -7.68 9.78
CA ARG A 78 -11.61 -6.78 10.12
C ARG A 78 -11.28 -5.96 11.37
N LYS A 79 -10.77 -6.60 12.42
CA LYS A 79 -10.44 -5.85 13.62
C LYS A 79 -9.30 -4.83 13.40
N PHE A 80 -8.32 -5.21 12.57
CA PHE A 80 -7.13 -4.37 12.36
C PHE A 80 -7.50 -3.02 11.66
N ILE A 81 -8.44 -3.00 10.68
CA ILE A 81 -8.83 -1.70 10.04
C ILE A 81 -10.17 -1.19 10.61
N ASN A 82 -10.73 -1.87 11.65
CA ASN A 82 -12.00 -1.49 12.37
C ASN A 82 -13.17 -1.42 11.35
N ALA A 83 -13.27 -2.41 10.48
CA ALA A 83 -14.50 -2.55 9.69
C ALA A 83 -15.60 -3.11 10.59
N LYS A 84 -16.88 -2.88 10.20
CA LYS A 84 -18.00 -3.39 11.01
C LYS A 84 -18.23 -4.89 10.85
N SER A 85 -17.88 -5.49 9.68
CA SER A 85 -18.25 -6.88 9.40
C SER A 85 -17.22 -7.59 8.52
N MET A 86 -17.05 -8.91 8.76
CA MET A 86 -16.25 -9.75 7.81
C MET A 86 -16.84 -9.82 6.41
N ALA A 87 -18.15 -9.48 6.26
CA ALA A 87 -18.68 -9.43 4.90
C ALA A 87 -18.04 -8.30 4.08
N GLU A 88 -17.37 -7.32 4.73
CA GLU A 88 -16.78 -6.19 4.03
C GLU A 88 -15.28 -6.44 3.78
N ILE A 89 -14.77 -7.64 4.16
CA ILE A 89 -13.29 -7.84 3.98
C ILE A 89 -13.14 -8.97 2.94
N ILE A 90 -12.58 -8.58 1.77
CA ILE A 90 -12.37 -9.55 0.66
C ILE A 90 -10.83 -9.77 0.51
N PHE A 91 -10.41 -11.08 0.48
CA PHE A 91 -8.98 -11.32 0.17
C PHE A 91 -8.76 -11.31 -1.34
N THR A 92 -7.68 -10.59 -1.79
CA THR A 92 -7.34 -10.50 -3.22
C THR A 92 -5.87 -10.79 -3.39
N LYS A 93 -5.34 -10.65 -4.66
CA LYS A 93 -3.86 -10.88 -4.74
C LYS A 93 -3.07 -9.63 -4.40
N GLY A 94 -3.67 -8.48 -4.07
CA GLY A 94 -2.82 -7.30 -3.78
C GLY A 94 -3.62 -6.00 -4.05
N THR A 95 -3.02 -4.88 -3.66
CA THR A 95 -3.72 -3.58 -3.85
C THR A 95 -4.17 -3.42 -5.30
N THR A 96 -3.23 -3.71 -6.25
CA THR A 96 -3.56 -3.45 -7.66
C THR A 96 -4.84 -4.26 -8.04
N THR A 97 -4.93 -5.54 -7.66
CA THR A 97 -6.15 -6.29 -8.04
C THR A 97 -7.36 -5.69 -7.33
N SER A 98 -7.25 -5.33 -6.03
CA SER A 98 -8.37 -4.70 -5.33
C SER A 98 -8.91 -3.44 -6.05
N LEU A 99 -8.00 -2.54 -6.48
CA LEU A 99 -8.52 -1.35 -7.19
C LEU A 99 -9.10 -1.70 -8.58
N ASN A 100 -8.52 -2.67 -9.28
CA ASN A 100 -9.15 -3.13 -10.54
C ASN A 100 -10.54 -3.71 -10.29
N MET A 101 -10.76 -4.42 -9.15
CA MET A 101 -12.12 -4.98 -8.92
C MET A 101 -13.12 -3.79 -8.78
N VAL A 102 -12.75 -2.74 -8.03
CA VAL A 102 -13.69 -1.60 -7.88
C VAL A 102 -13.95 -0.98 -9.27
N ALA A 103 -12.88 -0.83 -10.09
CA ALA A 103 -13.12 -0.17 -11.41
C ALA A 103 -13.97 -1.04 -12.35
N LEU A 104 -13.83 -2.39 -12.32
CA LEU A 104 -14.60 -3.30 -13.18
CA LEU A 104 -14.59 -3.27 -13.20
C LEU A 104 -16.03 -3.41 -12.67
N SER A 105 -16.21 -3.63 -11.34
CA SER A 105 -17.55 -4.03 -10.84
CA SER A 105 -17.51 -4.02 -10.80
C SER A 105 -18.37 -2.83 -10.33
N TYR A 106 -17.71 -1.79 -9.86
CA TYR A 106 -18.45 -0.59 -9.42
C TYR A 106 -18.44 0.46 -10.55
N ALA A 107 -17.27 0.91 -11.02
CA ALA A 107 -17.29 2.07 -11.93
C ALA A 107 -17.92 1.74 -13.29
N ARG A 108 -17.60 0.57 -13.87
CA ARG A 108 -18.17 0.25 -15.20
C ARG A 108 -19.67 0.08 -15.11
N ALA A 109 -20.24 -0.10 -13.89
CA ALA A 109 -21.70 -0.22 -13.74
C ALA A 109 -22.43 1.08 -13.39
N ASN A 110 -21.71 2.13 -13.02
CA ASN A 110 -22.25 3.33 -12.41
C ASN A 110 -21.72 4.58 -13.14
N LEU A 111 -21.10 4.44 -14.33
CA LEU A 111 -20.68 5.65 -15.05
C LEU A 111 -21.45 5.74 -16.38
N LYS A 112 -21.77 6.97 -16.78
CA LYS A 112 -22.30 7.19 -18.13
C LYS A 112 -21.77 8.53 -18.64
N PRO A 113 -21.97 8.92 -19.95
CA PRO A 113 -21.45 10.21 -20.44
C PRO A 113 -21.90 11.35 -19.54
N GLY A 114 -21.01 12.32 -19.26
CA GLY A 114 -21.27 13.45 -18.39
C GLY A 114 -20.75 13.21 -16.97
N ASP A 115 -20.65 11.93 -16.54
CA ASP A 115 -20.16 11.58 -15.19
C ASP A 115 -18.62 11.78 -15.15
N GLU A 116 -18.11 12.05 -13.94
CA GLU A 116 -16.67 12.26 -13.81
C GLU A 116 -16.06 11.28 -12.78
N VAL A 117 -14.80 10.83 -13.06
CA VAL A 117 -13.96 10.17 -12.00
C VAL A 117 -12.85 11.19 -11.70
N VAL A 118 -12.64 11.56 -10.42
CA VAL A 118 -11.64 12.53 -10.01
C VAL A 118 -10.46 11.82 -9.30
N ILE A 119 -9.22 12.04 -9.79
CA ILE A 119 -8.01 11.48 -9.15
C ILE A 119 -7.02 12.62 -8.90
N THR A 120 -5.71 12.35 -8.69
CA THR A 120 -4.75 13.40 -8.31
C THR A 120 -3.45 13.16 -9.09
N TYR A 121 -2.60 14.21 -9.24
CA TYR A 121 -1.39 13.98 -10.02
C TYR A 121 -0.40 13.08 -9.24
N MET A 122 -0.59 12.85 -7.92
CA MET A 122 0.45 12.06 -7.23
C MET A 122 0.09 10.55 -7.19
N GLU A 123 -0.92 10.15 -7.92
CA GLU A 123 -1.33 8.73 -7.75
C GLU A 123 -0.38 7.75 -8.41
N HIS A 124 -0.26 6.54 -7.75
CA HIS A 124 0.47 5.43 -8.35
C HIS A 124 -0.35 4.93 -9.55
N HIS A 125 0.36 4.31 -10.51
CA HIS A 125 -0.34 3.75 -11.70
C HIS A 125 -1.50 2.80 -11.38
N ALA A 126 -1.38 2.04 -10.27
CA ALA A 126 -2.49 1.14 -9.92
C ALA A 126 -3.79 1.91 -9.62
N ASN A 127 -3.67 3.20 -9.23
CA ASN A 127 -4.85 4.02 -8.96
C ASN A 127 -5.00 5.12 -10.05
N ILE A 128 -4.50 4.82 -11.28
CA ILE A 128 -4.71 5.70 -12.45
C ILE A 128 -5.28 4.85 -13.60
N ILE A 129 -4.59 3.75 -13.98
CA ILE A 129 -4.88 3.09 -15.27
C ILE A 129 -6.28 2.44 -15.19
N PRO A 130 -6.71 1.76 -14.07
CA PRO A 130 -8.05 1.13 -14.12
C PRO A 130 -9.16 2.19 -14.33
N TRP A 131 -8.92 3.43 -13.86
CA TRP A 131 -9.92 4.50 -14.08
C TRP A 131 -9.87 5.02 -15.53
N GLN A 132 -8.65 5.15 -16.07
CA GLN A 132 -8.55 5.54 -17.52
C GLN A 132 -9.38 4.56 -18.35
N GLN A 133 -9.28 3.26 -18.04
CA GLN A 133 -9.94 2.23 -18.81
C GLN A 133 -11.43 2.24 -18.55
N ALA A 134 -11.84 2.52 -17.31
CA ALA A 134 -13.28 2.51 -17.02
C ALA A 134 -13.95 3.76 -17.68
N VAL A 135 -13.29 4.91 -17.66
CA VAL A 135 -14.02 6.06 -18.30
C VAL A 135 -14.05 5.85 -19.80
N LYS A 136 -12.97 5.32 -20.40
CA LYS A 136 -13.03 4.92 -21.82
C LYS A 136 -14.19 4.00 -22.17
N ALA A 137 -14.40 2.95 -21.38
CA ALA A 137 -15.48 2.01 -21.63
C ALA A 137 -16.85 2.65 -21.49
N THR A 138 -17.01 3.67 -20.69
CA THR A 138 -18.34 4.18 -20.36
C THR A 138 -18.61 5.52 -21.08
N GLY A 139 -17.59 6.15 -21.67
CA GLY A 139 -17.82 7.50 -22.18
C GLY A 139 -17.84 8.63 -21.16
N ALA A 140 -17.37 8.40 -19.91
CA ALA A 140 -17.28 9.38 -18.82
C ALA A 140 -16.00 10.22 -18.99
N THR A 141 -15.71 11.11 -18.02
CA THR A 141 -14.55 11.99 -18.07
C THR A 141 -13.63 11.73 -16.84
N LEU A 142 -12.31 11.72 -17.09
CA LEU A 142 -11.34 11.65 -15.98
C LEU A 142 -10.84 13.07 -15.69
N LYS A 143 -10.77 13.50 -14.39
CA LYS A 143 -10.23 14.81 -14.03
C LYS A 143 -9.17 14.70 -12.92
N TYR A 144 -8.19 15.60 -12.91
CA TYR A 144 -7.14 15.58 -11.89
C TYR A 144 -7.26 16.76 -10.92
N ILE A 145 -7.16 16.48 -9.59
CA ILE A 145 -7.02 17.56 -8.58
C ILE A 145 -5.59 18.07 -8.66
N PRO A 146 -5.35 19.40 -8.72
CA PRO A 146 -3.95 19.86 -8.73
C PRO A 146 -3.26 19.85 -7.35
N LEU A 147 -1.92 19.90 -7.35
CA LEU A 147 -1.10 19.89 -6.14
C LEU A 147 -0.59 21.30 -5.82
N GLN A 148 -0.33 21.49 -4.54
CA GLN A 148 0.32 22.73 -4.06
C GLN A 148 1.83 22.61 -4.35
N GLU A 149 2.62 23.70 -4.22
CA GLU A 149 4.02 23.60 -4.58
C GLU A 149 4.84 22.66 -3.71
N ASP A 150 4.45 22.32 -2.47
CA ASP A 150 5.25 21.36 -1.73
C ASP A 150 4.73 19.90 -1.90
N GLY A 151 3.84 19.66 -2.87
CA GLY A 151 3.30 18.29 -3.11
C GLY A 151 2.25 17.86 -2.06
N THR A 152 1.42 18.79 -1.57
CA THR A 152 0.22 18.54 -0.77
C THR A 152 -1.04 18.88 -1.52
N ILE A 153 -2.19 18.44 -1.00
CA ILE A 153 -3.45 18.77 -1.66
C ILE A 153 -4.20 19.75 -0.78
N SER A 154 -4.72 20.83 -1.39
CA SER A 154 -5.55 21.70 -0.54
C SER A 154 -7.05 21.36 -0.69
N LEU A 155 -7.81 21.44 0.42
CA LEU A 155 -9.22 21.03 0.39
C LEU A 155 -9.99 22.01 -0.53
N GLU A 156 -9.51 23.27 -0.69
CA GLU A 156 -10.14 24.17 -1.67
C GLU A 156 -10.07 23.68 -3.10
N ASP A 157 -8.91 23.15 -3.50
CA ASP A 157 -8.76 22.55 -4.83
C ASP A 157 -9.62 21.28 -4.99
N VAL A 158 -9.75 20.47 -3.91
CA VAL A 158 -10.66 19.33 -3.98
C VAL A 158 -12.10 19.86 -4.25
N ARG A 159 -12.55 20.82 -3.45
CA ARG A 159 -13.92 21.31 -3.70
C ARG A 159 -14.10 21.87 -5.10
N GLU A 160 -13.09 22.54 -5.64
CA GLU A 160 -13.17 23.10 -6.98
C GLU A 160 -13.28 22.01 -8.05
N THR A 161 -12.51 20.89 -7.92
CA THR A 161 -12.48 19.84 -8.96
C THR A 161 -13.72 18.90 -8.91
N VAL A 162 -14.15 18.53 -7.70
CA VAL A 162 -15.29 17.63 -7.48
C VAL A 162 -16.58 18.43 -7.71
N THR A 163 -17.51 17.87 -8.49
CA THR A 163 -18.75 18.58 -8.80
C THR A 163 -19.96 17.65 -8.57
N SER A 164 -21.19 18.17 -8.87
CA SER A 164 -22.32 17.24 -8.81
C SER A 164 -22.35 16.29 -9.98
N ASN A 165 -21.40 16.35 -10.93
CA ASN A 165 -21.36 15.26 -11.90
C ASN A 165 -20.27 14.21 -11.49
N THR A 166 -19.60 14.45 -10.35
CA THR A 166 -18.54 13.47 -9.98
C THR A 166 -19.19 12.23 -9.33
N LYS A 167 -18.79 11.00 -9.73
CA LYS A 167 -19.39 9.82 -9.16
C LYS A 167 -18.32 9.08 -8.29
N ILE A 168 -17.06 9.29 -8.60
CA ILE A 168 -16.01 8.52 -7.87
C ILE A 168 -14.85 9.52 -7.65
N VAL A 169 -14.26 9.59 -6.42
CA VAL A 169 -12.99 10.27 -6.21
C VAL A 169 -12.01 9.14 -5.76
N ALA A 170 -10.86 9.02 -6.41
CA ALA A 170 -9.93 7.93 -5.97
C ALA A 170 -8.62 8.62 -5.60
N VAL A 171 -8.01 8.28 -4.44
CA VAL A 171 -6.88 9.09 -3.92
C VAL A 171 -6.03 8.21 -3.02
N SER A 172 -4.70 8.45 -3.03
CA SER A 172 -3.76 7.77 -2.15
C SER A 172 -3.93 8.22 -0.70
N HIS A 173 -3.87 7.30 0.30
CA HIS A 173 -3.79 7.76 1.67
C HIS A 173 -2.42 8.42 1.93
N VAL A 174 -1.35 7.69 1.58
CA VAL A 174 0.02 8.27 1.67
C VAL A 174 0.73 8.01 0.32
N SER A 175 1.41 9.03 -0.23
CA SER A 175 2.18 8.89 -1.48
C SER A 175 3.47 8.05 -1.22
N ASN A 176 3.77 7.09 -2.13
CA ASN A 176 4.98 6.31 -2.04
C ASN A 176 6.18 7.09 -2.62
N VAL A 177 5.99 8.36 -3.08
CA VAL A 177 7.14 9.17 -3.61
C VAL A 177 7.35 10.44 -2.77
N LEU A 178 6.23 11.17 -2.49
CA LEU A 178 6.37 12.51 -1.81
C LEU A 178 6.39 12.29 -0.31
N GLY A 179 5.81 11.15 0.17
CA GLY A 179 5.66 10.97 1.61
C GLY A 179 4.46 11.74 2.22
N THR A 180 3.68 12.39 1.35
CA THR A 180 2.55 13.21 1.82
C THR A 180 1.47 12.30 2.41
N VAL A 181 0.86 12.74 3.58
CA VAL A 181 -0.32 12.01 4.11
C VAL A 181 -1.53 12.85 3.72
N ASN A 182 -2.40 12.34 2.86
CA ASN A 182 -3.49 13.18 2.32
C ASN A 182 -4.64 13.21 3.31
N PRO A 183 -5.46 14.32 3.30
CA PRO A 183 -6.56 14.46 4.28
C PRO A 183 -7.82 13.71 3.90
N ILE A 184 -7.73 12.36 3.95
CA ILE A 184 -8.78 11.49 3.45
C ILE A 184 -10.13 11.69 4.14
N LYS A 185 -10.09 11.84 5.47
CA LYS A 185 -11.38 11.98 6.15
C LYS A 185 -12.14 13.23 5.62
N GLU A 186 -11.46 14.37 5.48
CA GLU A 186 -12.14 15.58 4.94
C GLU A 186 -12.49 15.45 3.45
N MET A 187 -11.70 14.68 2.67
CA MET A 187 -12.00 14.47 1.26
C MET A 187 -13.21 13.59 1.10
N ALA A 188 -13.40 12.62 2.00
CA ALA A 188 -14.58 11.77 1.96
C ALA A 188 -15.85 12.65 2.15
N LYS A 189 -15.79 13.56 3.13
CA LYS A 189 -16.96 14.48 3.37
C LYS A 189 -17.32 15.25 2.07
N ILE A 190 -16.32 15.79 1.36
CA ILE A 190 -16.53 16.54 0.10
C ILE A 190 -17.11 15.66 -1.00
N ALA A 191 -16.53 14.43 -1.16
CA ALA A 191 -17.13 13.49 -2.11
C ALA A 191 -18.59 13.22 -1.76
N HIS A 192 -18.91 12.93 -0.47
CA HIS A 192 -20.26 12.49 -0.14
C HIS A 192 -21.23 13.68 -0.34
N ASP A 193 -20.70 14.87 -0.12
CA ASP A 193 -21.62 16.03 -0.20
C ASP A 193 -21.98 16.34 -1.65
N ASN A 194 -21.15 15.88 -2.56
CA ASN A 194 -21.41 15.93 -4.00
C ASN A 194 -22.06 14.72 -4.61
N GLY A 195 -22.37 13.65 -3.83
CA GLY A 195 -23.10 12.52 -4.41
C GLY A 195 -22.14 11.38 -4.87
N ALA A 196 -20.85 11.50 -4.55
CA ALA A 196 -19.83 10.54 -5.05
C ALA A 196 -19.41 9.59 -3.93
N VAL A 197 -18.74 8.49 -4.36
CA VAL A 197 -18.05 7.58 -3.42
C VAL A 197 -16.55 7.92 -3.45
N ILE A 198 -15.82 7.52 -2.38
CA ILE A 198 -14.35 7.75 -2.33
C ILE A 198 -13.66 6.38 -2.25
N VAL A 199 -12.61 6.21 -3.07
CA VAL A 199 -11.88 4.93 -3.13
C VAL A 199 -10.49 5.29 -2.64
N VAL A 200 -10.03 4.60 -1.57
CA VAL A 200 -8.72 5.02 -0.99
C VAL A 200 -7.64 3.94 -1.26
N ASP A 201 -6.50 4.37 -1.79
CA ASP A 201 -5.35 3.42 -2.00
C ASP A 201 -4.47 3.49 -0.76
N GLY A 202 -4.55 2.44 0.08
CA GLY A 202 -3.91 2.43 1.39
C GLY A 202 -2.65 1.55 1.36
N ALA A 203 -2.07 1.31 0.16
CA ALA A 203 -0.88 0.38 0.14
C ALA A 203 0.29 0.90 0.99
N GLN A 204 0.51 2.25 0.99
CA GLN A 204 1.68 2.82 1.73
C GLN A 204 1.27 3.29 3.13
N SER A 205 -0.05 3.44 3.44
CA SER A 205 -0.40 3.86 4.81
C SER A 205 -0.54 2.67 5.80
N THR A 206 -1.22 1.60 5.38
CA THR A 206 -1.58 0.45 6.23
C THR A 206 -0.36 -0.09 6.99
N PRO A 207 0.85 -0.26 6.38
CA PRO A 207 1.95 -0.88 7.10
C PRO A 207 2.45 0.02 8.25
N HIS A 208 2.19 1.34 8.15
CA HIS A 208 3.04 2.30 8.89
C HIS A 208 2.25 3.20 9.88
N MET A 209 0.88 3.08 9.87
CA MET A 209 0.04 3.88 10.78
C MET A 209 -1.29 3.15 10.97
N LYS A 210 -1.97 3.46 12.12
CA LYS A 210 -3.26 2.81 12.35
C LYS A 210 -4.27 3.26 11.28
N ILE A 211 -5.11 2.31 10.87
CA ILE A 211 -6.22 2.59 9.92
C ILE A 211 -7.56 2.39 10.65
N ASP A 212 -8.49 3.37 10.53
CA ASP A 212 -9.84 3.04 11.10
C ASP A 212 -10.86 3.42 10.02
N VAL A 213 -11.44 2.47 9.29
CA VAL A 213 -12.22 2.87 8.12
C VAL A 213 -13.56 3.52 8.59
N GLN A 214 -13.98 3.27 9.87
CA GLN A 214 -15.25 3.91 10.33
C GLN A 214 -14.96 5.41 10.50
N ASP A 215 -13.82 5.79 11.11
CA ASP A 215 -13.48 7.18 11.29
C ASP A 215 -13.17 7.88 9.94
N LEU A 216 -12.49 7.19 8.98
CA LEU A 216 -12.17 7.78 7.68
C LEU A 216 -13.47 7.94 6.86
N ASP A 217 -14.46 7.04 7.04
CA ASP A 217 -15.72 6.94 6.30
C ASP A 217 -15.42 6.72 4.80
N CYS A 218 -14.32 5.95 4.44
CA CYS A 218 -14.04 5.69 3.03
C CYS A 218 -15.02 4.60 2.53
N ASP A 219 -15.43 4.67 1.25
CA ASP A 219 -16.35 3.66 0.72
C ASP A 219 -15.62 2.38 0.30
N PHE A 220 -14.35 2.56 -0.15
CA PHE A 220 -13.53 1.36 -0.47
C PHE A 220 -12.10 1.71 0.03
N PHE A 221 -11.40 0.63 0.40
CA PHE A 221 -10.02 0.83 0.90
C PHE A 221 -9.21 -0.42 0.47
N ALA A 222 -8.02 -0.18 -0.13
CA ALA A 222 -7.24 -1.34 -0.63
C ALA A 222 -5.80 -1.34 -0.03
N LEU A 223 -5.25 -2.56 0.19
CA LEU A 223 -3.92 -2.67 0.85
C LEU A 223 -3.25 -3.98 0.36
N SER A 224 -1.89 -4.01 0.57
CA SER A 224 -1.08 -5.18 0.18
C SER A 224 -0.31 -5.76 1.39
N SER A 225 -0.36 -7.10 1.48
CA SER A 225 0.39 -7.83 2.53
C SER A 225 1.92 -7.63 2.41
N HIS A 226 2.43 -7.63 1.14
CA HIS A 226 3.90 -7.69 1.07
C HIS A 226 4.59 -6.42 1.60
N LYS A 227 3.84 -5.30 1.75
CA LYS A 227 4.44 -4.08 2.29
C LYS A 227 4.37 -3.99 3.84
N MET A 228 3.62 -4.94 4.48
CA MET A 228 3.33 -4.80 5.93
C MET A 228 3.74 -6.10 6.62
N CYS A 229 5.00 -6.59 6.32
CA CYS A 229 5.63 -7.75 6.98
C CYS A 229 4.92 -9.09 6.62
N GLY A 230 4.03 -9.10 5.62
CA GLY A 230 3.31 -10.37 5.36
C GLY A 230 3.75 -10.99 4.01
N PRO A 231 3.22 -12.19 3.69
CA PRO A 231 3.65 -12.95 2.46
C PRO A 231 3.32 -12.11 1.22
N THR A 232 4.08 -12.44 0.12
CA THR A 232 3.70 -11.87 -1.20
C THR A 232 2.38 -12.51 -1.72
N GLY A 233 1.78 -11.84 -2.72
CA GLY A 233 0.64 -12.51 -3.46
C GLY A 233 -0.70 -12.36 -2.72
N VAL A 234 -0.77 -11.46 -1.71
CA VAL A 234 -2.11 -11.35 -1.06
C VAL A 234 -2.34 -9.90 -0.64
N GLY A 235 -3.60 -9.54 -0.72
CA GLY A 235 -4.01 -8.19 -0.30
C GLY A 235 -5.50 -8.20 0.17
N VAL A 236 -6.04 -6.98 0.45
CA VAL A 236 -7.47 -6.93 0.88
C VAL A 236 -8.14 -5.86 0.07
N LEU A 237 -9.44 -6.10 -0.21
CA LEU A 237 -10.32 -4.97 -0.58
C LEU A 237 -11.38 -4.90 0.50
N TYR A 238 -11.45 -3.71 1.13
CA TYR A 238 -12.58 -3.40 2.02
C TYR A 238 -13.59 -2.57 1.22
N GLY A 239 -14.90 -2.92 1.41
CA GLY A 239 -15.90 -2.00 0.85
C GLY A 239 -17.10 -1.92 1.84
N LYS A 240 -17.80 -0.80 1.83
CA LYS A 240 -19.00 -0.77 2.68
C LYS A 240 -19.98 -1.85 2.21
N LYS A 241 -20.64 -2.53 3.15
CA LYS A 241 -21.45 -3.73 2.80
C LYS A 241 -22.58 -3.35 1.79
N ALA A 242 -23.18 -2.14 1.95
CA ALA A 242 -24.34 -1.81 1.10
C ALA A 242 -23.88 -1.63 -0.35
N LEU A 243 -22.61 -1.14 -0.56
CA LEU A 243 -22.10 -1.05 -1.93
C LEU A 243 -21.69 -2.41 -2.51
N LEU A 244 -21.00 -3.27 -1.72
CA LEU A 244 -20.65 -4.60 -2.23
C LEU A 244 -21.91 -5.44 -2.55
N GLU A 245 -23.00 -5.28 -1.77
CA GLU A 245 -24.19 -6.11 -1.98
C GLU A 245 -24.72 -5.88 -3.39
N ASN A 246 -24.58 -4.65 -3.88
CA ASN A 246 -25.17 -4.28 -5.18
C ASN A 246 -24.19 -4.44 -6.34
N MET A 247 -22.89 -4.72 -6.08
CA MET A 247 -21.92 -4.95 -7.16
C MET A 247 -21.94 -6.41 -7.63
N GLU A 248 -21.74 -6.65 -8.95
CA GLU A 248 -21.59 -8.00 -9.48
C GLU A 248 -20.16 -8.48 -9.21
N PRO A 249 -19.90 -9.81 -9.16
CA PRO A 249 -18.52 -10.32 -9.06
C PRO A 249 -17.62 -9.87 -10.20
N ALA A 250 -16.27 -9.78 -9.93
CA ALA A 250 -15.29 -9.50 -10.98
C ALA A 250 -14.83 -10.78 -11.70
N GLU A 251 -14.88 -11.95 -11.00
CA GLU A 251 -14.41 -13.23 -11.57
C GLU A 251 -15.41 -14.30 -11.13
N PHE A 252 -15.48 -15.38 -11.94
CA PHE A 252 -16.55 -16.34 -11.71
C PHE A 252 -16.02 -17.75 -11.61
N GLY A 253 -16.63 -18.61 -10.76
CA GLY A 253 -16.13 -19.99 -10.69
C GLY A 253 -16.69 -20.72 -9.49
N GLY A 254 -16.01 -21.78 -9.05
CA GLY A 254 -16.39 -22.42 -7.82
C GLY A 254 -16.22 -21.51 -6.60
N GLU A 255 -16.92 -21.92 -5.50
CA GLU A 255 -16.80 -21.29 -4.15
C GLU A 255 -17.60 -19.99 -4.11
N MET A 256 -17.76 -19.23 -5.27
CA MET A 256 -18.51 -17.96 -5.18
C MET A 256 -20.01 -18.15 -5.61
N ILE A 257 -20.37 -19.38 -5.99
CA ILE A 257 -21.75 -19.66 -6.42
C ILE A 257 -22.59 -20.21 -5.27
N ASP A 258 -23.92 -20.19 -5.51
CA ASP A 258 -24.82 -20.97 -4.71
C ASP A 258 -25.45 -22.06 -5.62
N PHE A 259 -26.09 -21.69 -6.72
CA PHE A 259 -26.69 -22.72 -7.63
C PHE A 259 -26.13 -22.50 -9.03
N VAL A 260 -25.75 -23.57 -9.75
CA VAL A 260 -25.26 -23.45 -11.13
C VAL A 260 -26.18 -24.31 -12.03
N GLY A 261 -26.89 -23.63 -12.92
CA GLY A 261 -27.63 -24.37 -13.99
C GLY A 261 -26.81 -24.34 -15.31
N LEU A 262 -27.38 -24.85 -16.43
CA LEU A 262 -26.59 -24.88 -17.67
C LEU A 262 -26.25 -23.48 -18.17
N TYR A 263 -27.22 -22.53 -18.04
CA TYR A 263 -27.01 -21.21 -18.64
C TYR A 263 -26.93 -20.09 -17.61
N GLU A 264 -27.53 -20.29 -16.42
CA GLU A 264 -27.62 -19.19 -15.44
C GLU A 264 -27.15 -19.73 -14.07
N SER A 265 -26.53 -18.86 -13.24
CA SER A 265 -26.14 -19.21 -11.85
C SER A 265 -26.51 -18.11 -10.84
N THR A 266 -26.46 -18.45 -9.53
CA THR A 266 -26.69 -17.42 -8.54
C THR A 266 -25.48 -17.39 -7.61
N TRP A 267 -25.28 -16.24 -6.91
CA TRP A 267 -23.98 -16.15 -6.21
C TRP A 267 -24.15 -16.36 -4.72
N LYS A 268 -23.06 -16.70 -4.03
CA LYS A 268 -23.00 -16.78 -2.58
C LYS A 268 -23.14 -15.38 -1.94
N GLU A 269 -23.42 -15.35 -0.62
CA GLU A 269 -23.44 -14.08 0.13
CA GLU A 269 -23.44 -14.06 0.12
C GLU A 269 -22.00 -13.52 0.25
N LEU A 270 -21.92 -12.27 0.69
CA LEU A 270 -20.58 -11.66 1.00
C LEU A 270 -19.98 -12.34 2.22
N PRO A 271 -18.61 -12.41 2.33
CA PRO A 271 -17.71 -11.87 1.27
C PRO A 271 -17.39 -12.85 0.13
N TRP A 272 -17.83 -14.10 0.26
CA TRP A 272 -17.40 -15.17 -0.67
C TRP A 272 -17.84 -14.89 -2.13
N LYS A 273 -18.90 -14.10 -2.33
CA LYS A 273 -19.33 -13.70 -3.69
C LYS A 273 -18.12 -13.18 -4.51
N PHE A 274 -17.10 -12.53 -3.86
CA PHE A 274 -15.95 -11.91 -4.54
C PHE A 274 -14.69 -12.76 -4.41
N GLU A 275 -14.78 -14.08 -4.01
CA GLU A 275 -13.59 -14.92 -3.90
C GLU A 275 -13.85 -16.20 -4.73
N ALA A 276 -13.38 -16.17 -5.98
CA ALA A 276 -13.62 -17.34 -6.89
C ALA A 276 -12.45 -18.31 -6.84
N GLY A 277 -12.76 -19.61 -6.82
CA GLY A 277 -11.70 -20.64 -6.86
C GLY A 277 -11.09 -20.96 -5.47
N THR A 278 -10.05 -21.82 -5.48
CA THR A 278 -9.36 -22.11 -4.23
C THR A 278 -8.64 -20.80 -3.78
N PRO A 279 -8.80 -20.45 -2.48
CA PRO A 279 -8.28 -19.15 -2.04
C PRO A 279 -6.77 -19.18 -1.81
N ILE A 280 -6.25 -17.99 -1.41
CA ILE A 280 -4.77 -17.85 -1.14
C ILE A 280 -4.58 -18.29 0.33
N ILE A 281 -4.65 -19.61 0.62
CA ILE A 281 -4.92 -20.05 2.01
C ILE A 281 -3.69 -19.66 2.87
N ALA A 282 -2.50 -20.14 2.47
CA ALA A 282 -1.32 -19.94 3.35
C ALA A 282 -1.06 -18.45 3.45
N GLY A 283 -1.15 -17.73 2.28
CA GLY A 283 -0.76 -16.30 2.35
C GLY A 283 -1.70 -15.49 3.28
N ALA A 284 -3.03 -15.77 3.23
CA ALA A 284 -3.93 -15.02 4.13
C ALA A 284 -3.63 -15.38 5.60
N ILE A 285 -3.36 -16.67 5.90
CA ILE A 285 -3.05 -17.03 7.30
C ILE A 285 -1.77 -16.29 7.74
N GLY A 286 -0.75 -16.21 6.83
CA GLY A 286 0.51 -15.48 7.14
C GLY A 286 0.23 -13.96 7.31
N LEU A 287 -0.65 -13.36 6.51
CA LEU A 287 -1.00 -11.93 6.72
C LEU A 287 -1.66 -11.77 8.12
N GLY A 288 -2.54 -12.72 8.50
CA GLY A 288 -3.02 -12.61 9.91
C GLY A 288 -1.90 -12.62 10.97
N ALA A 289 -0.84 -13.44 10.78
CA ALA A 289 0.30 -13.42 11.70
C ALA A 289 1.08 -12.12 11.60
N ALA A 290 1.13 -11.51 10.40
CA ALA A 290 1.82 -10.22 10.35
C ALA A 290 1.04 -9.17 11.14
N ILE A 291 -0.29 -9.25 11.06
CA ILE A 291 -1.14 -8.28 11.80
C ILE A 291 -0.89 -8.51 13.29
N ASP A 292 -0.94 -9.78 13.73
CA ASP A 292 -0.70 -10.01 15.18
C ASP A 292 0.66 -9.45 15.67
N PHE A 293 1.69 -9.62 14.84
CA PHE A 293 3.04 -9.12 15.11
C PHE A 293 3.06 -7.58 15.21
N LEU A 294 2.47 -6.88 14.24
CA LEU A 294 2.52 -5.41 14.24
C LEU A 294 1.66 -4.86 15.43
N GLU A 295 0.53 -5.56 15.76
CA GLU A 295 -0.35 -5.09 16.87
C GLU A 295 0.37 -5.27 18.18
N GLU A 296 1.20 -6.29 18.36
CA GLU A 296 1.90 -6.52 19.62
C GLU A 296 2.94 -5.43 19.80
N ILE A 297 3.60 -4.97 18.73
CA ILE A 297 4.51 -3.80 18.81
C ILE A 297 3.73 -2.50 19.01
N GLY A 298 2.67 -2.30 18.24
CA GLY A 298 1.85 -1.07 18.31
C GLY A 298 2.03 -0.22 17.06
N LEU A 299 0.95 0.04 16.28
CA LEU A 299 1.14 0.85 15.08
C LEU A 299 1.45 2.30 15.50
N ASP A 300 0.92 2.75 16.65
CA ASP A 300 1.33 4.14 16.99
C ASP A 300 2.83 4.21 17.36
N GLU A 301 3.38 3.13 17.99
CA GLU A 301 4.81 3.13 18.26
C GLU A 301 5.65 3.12 16.97
N ILE A 302 5.18 2.33 15.99
CA ILE A 302 5.88 2.31 14.68
C ILE A 302 5.85 3.68 13.97
N SER A 303 4.69 4.37 14.06
CA SER A 303 4.51 5.68 13.45
CA SER A 303 4.57 5.65 13.40
C SER A 303 5.46 6.68 14.14
N ARG A 304 5.56 6.57 15.49
CA ARG A 304 6.43 7.54 16.20
CA ARG A 304 6.45 7.52 16.22
C ARG A 304 7.92 7.32 15.83
N HIS A 305 8.36 6.02 15.73
CA HIS A 305 9.72 5.71 15.28
C HIS A 305 9.97 6.30 13.90
N GLU A 306 9.05 6.06 12.95
CA GLU A 306 9.24 6.58 11.61
C GLU A 306 9.21 8.15 11.59
N HIS A 307 8.44 8.82 12.47
CA HIS A 307 8.47 10.30 12.53
CA HIS A 307 8.48 10.31 12.52
C HIS A 307 9.88 10.76 12.91
N LYS A 308 10.49 10.07 13.87
CA LYS A 308 11.86 10.38 14.31
C LYS A 308 12.89 10.16 13.21
N LEU A 309 12.80 8.98 12.51
CA LEU A 309 13.72 8.76 11.39
C LEU A 309 13.49 9.78 10.25
N ALA A 310 12.27 10.17 9.92
CA ALA A 310 12.07 11.08 8.81
C ALA A 310 12.63 12.49 9.18
N ALA A 311 12.37 12.89 10.42
CA ALA A 311 12.87 14.25 10.83
C ALA A 311 14.40 14.24 10.76
N TYR A 312 15.02 13.16 11.27
CA TYR A 312 16.50 13.02 11.25
C TYR A 312 17.06 13.02 9.80
N ALA A 313 16.40 12.20 8.90
CA ALA A 313 16.87 12.19 7.52
C ALA A 313 16.71 13.56 6.83
N LEU A 314 15.60 14.25 7.02
CA LEU A 314 15.43 15.52 6.29
C LEU A 314 16.54 16.51 6.79
N GLU A 315 16.78 16.49 8.10
CA GLU A 315 17.86 17.43 8.59
C GLU A 315 19.18 17.10 7.92
N ARG A 316 19.57 15.77 7.95
CA ARG A 316 20.87 15.35 7.43
C ARG A 316 20.97 15.56 5.91
N PHE A 317 19.86 15.39 5.17
CA PHE A 317 19.91 15.71 3.74
C PHE A 317 20.16 17.23 3.52
N ARG A 318 19.62 18.09 4.41
CA ARG A 318 19.83 19.53 4.23
C ARG A 318 21.30 19.87 4.48
N GLN A 319 22.10 18.98 5.04
CA GLN A 319 23.53 19.18 5.24
C GLN A 319 24.30 18.92 3.95
N LEU A 320 23.69 18.26 2.95
CA LEU A 320 24.40 17.91 1.71
C LEU A 320 24.21 19.05 0.73
N ASP A 321 25.31 19.50 0.12
CA ASP A 321 25.17 20.39 -1.02
C ASP A 321 24.79 19.65 -2.29
N GLY A 322 23.94 20.29 -3.08
CA GLY A 322 23.70 19.76 -4.44
C GLY A 322 22.64 18.63 -4.44
N VAL A 323 21.83 18.54 -3.41
CA VAL A 323 20.82 17.43 -3.34
C VAL A 323 19.46 18.08 -3.22
N THR A 324 18.46 17.63 -4.01
CA THR A 324 17.11 18.14 -3.93
C THR A 324 16.19 17.05 -3.31
N VAL A 325 15.37 17.42 -2.31
CA VAL A 325 14.37 16.44 -1.80
C VAL A 325 13.01 16.91 -2.28
N TYR A 326 12.09 16.00 -2.71
CA TYR A 326 10.77 16.39 -3.21
C TYR A 326 9.75 16.17 -2.09
N GLY A 327 8.73 17.05 -2.04
CA GLY A 327 7.60 16.83 -1.13
C GLY A 327 7.65 17.64 0.19
N PRO A 328 6.73 17.44 1.14
CA PRO A 328 6.57 18.33 2.28
C PRO A 328 7.44 18.00 3.49
N GLU A 329 7.48 18.95 4.46
CA GLU A 329 8.32 18.68 5.63
C GLU A 329 7.63 17.64 6.52
N GLU A 330 6.34 17.80 6.73
CA GLU A 330 5.58 16.82 7.54
C GLU A 330 5.27 15.60 6.65
N ARG A 331 5.76 14.38 7.02
CA ARG A 331 5.62 13.29 6.01
C ARG A 331 5.78 11.94 6.69
N ALA A 332 5.44 10.89 5.91
CA ALA A 332 5.73 9.50 6.30
C ALA A 332 7.23 9.18 6.17
N GLY A 333 7.57 7.89 6.34
CA GLY A 333 8.98 7.55 6.53
C GLY A 333 9.71 7.19 5.21
N LEU A 334 9.90 8.21 4.34
CA LEU A 334 10.64 7.99 3.10
C LEU A 334 11.18 9.35 2.64
N VAL A 335 12.21 9.31 1.80
CA VAL A 335 12.78 10.53 1.19
C VAL A 335 13.12 10.14 -0.26
N THR A 336 12.51 10.90 -1.20
CA THR A 336 12.83 10.75 -2.63
C THR A 336 13.62 12.04 -3.04
N PHE A 337 14.69 11.83 -3.80
CA PHE A 337 15.65 12.93 -3.99
C PHE A 337 16.40 12.77 -5.31
N ASN A 338 17.28 13.81 -5.67
CA ASN A 338 18.19 13.60 -6.79
C ASN A 338 19.47 14.35 -6.40
N LEU A 339 20.61 13.85 -6.88
CA LEU A 339 21.82 14.67 -6.77
C LEU A 339 21.93 15.52 -8.05
N ASP A 340 22.39 16.78 -7.95
CA ASP A 340 22.66 17.57 -9.16
C ASP A 340 23.66 16.86 -10.07
N ASP A 341 23.39 16.79 -11.36
CA ASP A 341 24.44 16.13 -12.16
C ASP A 341 24.85 14.70 -11.78
N VAL A 342 24.04 13.84 -11.09
CA VAL A 342 24.35 12.43 -11.14
C VAL A 342 22.99 11.73 -11.38
N HIS A 343 22.88 10.91 -12.44
CA HIS A 343 21.63 10.20 -12.76
C HIS A 343 21.24 9.32 -11.55
N PRO A 344 19.95 9.26 -11.13
CA PRO A 344 19.61 8.43 -9.96
C PRO A 344 19.92 6.93 -10.11
N HIS A 345 19.86 6.36 -11.35
CA HIS A 345 20.30 4.97 -11.51
CA HIS A 345 20.28 4.98 -11.52
C HIS A 345 21.75 4.79 -11.07
N ASP A 346 22.62 5.77 -11.37
CA ASP A 346 24.01 5.57 -11.03
C ASP A 346 24.18 5.76 -9.51
N VAL A 347 23.41 6.68 -8.89
CA VAL A 347 23.39 6.77 -7.42
C VAL A 347 23.05 5.38 -6.80
N ALA A 348 22.00 4.74 -7.32
CA ALA A 348 21.62 3.47 -6.68
C ALA A 348 22.65 2.37 -6.91
N THR A 349 23.36 2.36 -8.10
CA THR A 349 24.47 1.46 -8.40
C THR A 349 25.61 1.61 -7.38
N VAL A 350 26.07 2.83 -7.18
CA VAL A 350 27.20 3.04 -6.29
C VAL A 350 26.82 2.77 -4.82
N LEU A 351 25.57 3.10 -4.42
CA LEU A 351 25.14 2.80 -3.04
C LEU A 351 25.08 1.25 -2.80
N ASP A 352 24.62 0.50 -3.79
CA ASP A 352 24.57 -0.97 -3.57
C ASP A 352 25.99 -1.55 -3.44
N ALA A 353 26.99 -0.92 -4.11
CA ALA A 353 28.37 -1.35 -3.87
C ALA A 353 28.85 -1.10 -2.44
N GLU A 354 28.16 -0.23 -1.67
CA GLU A 354 28.48 -0.01 -0.24
C GLU A 354 27.48 -0.76 0.67
N GLY A 355 26.72 -1.69 0.06
CA GLY A 355 25.80 -2.47 0.91
C GLY A 355 24.39 -1.84 1.03
N ILE A 356 24.11 -0.67 0.43
CA ILE A 356 22.92 0.12 0.74
C ILE A 356 21.92 -0.09 -0.42
N ALA A 357 20.68 -0.55 -0.08
CA ALA A 357 19.65 -0.82 -1.07
C ALA A 357 18.65 0.35 -1.11
N VAL A 358 18.60 1.09 -2.24
CA VAL A 358 17.56 2.15 -2.43
C VAL A 358 16.98 1.83 -3.82
N ARG A 359 16.03 2.61 -4.31
CA ARG A 359 15.46 2.29 -5.64
C ARG A 359 15.53 3.58 -6.48
N ALA A 360 15.76 3.45 -7.81
CA ALA A 360 15.72 4.62 -8.66
C ALA A 360 14.73 4.33 -9.78
N GLY A 361 14.14 5.37 -10.35
CA GLY A 361 13.20 5.21 -11.48
C GLY A 361 12.02 6.17 -11.29
N HIS A 362 10.83 5.81 -11.87
CA HIS A 362 9.66 6.71 -11.76
C HIS A 362 8.72 6.26 -10.63
N HIS A 363 9.03 5.11 -10.00
CA HIS A 363 8.24 4.65 -8.84
C HIS A 363 6.76 4.45 -9.19
N CYS A 364 6.50 4.01 -10.42
CA CYS A 364 5.12 3.78 -10.89
C CYS A 364 4.29 5.08 -10.77
N ALA A 365 4.93 6.27 -11.01
CA ALA A 365 4.13 7.47 -10.93
C ALA A 365 4.67 8.43 -12.03
N GLN A 366 4.45 8.02 -13.29
CA GLN A 366 5.05 8.87 -14.37
C GLN A 366 4.40 10.28 -14.43
N PRO A 367 3.06 10.43 -14.28
CA PRO A 367 2.49 11.79 -14.28
C PRO A 367 3.11 12.64 -13.17
N LEU A 368 3.39 12.06 -11.97
CA LEU A 368 4.05 12.86 -10.92
C LEU A 368 5.48 13.25 -11.31
N MET A 369 6.23 12.34 -11.93
CA MET A 369 7.59 12.76 -12.30
C MET A 369 7.50 13.96 -13.31
N LYS A 370 6.53 13.87 -14.22
CA LYS A 370 6.37 15.02 -15.17
C LYS A 370 6.00 16.33 -14.45
N TRP A 371 5.08 16.29 -13.48
CA TRP A 371 4.78 17.42 -12.56
C TRP A 371 6.03 17.97 -11.87
N LEU A 372 6.93 17.07 -11.42
CA LEU A 372 8.16 17.46 -10.71
C LEU A 372 9.24 17.97 -11.69
N ASP A 373 8.99 17.85 -12.99
CA ASP A 373 9.90 18.21 -14.07
C ASP A 373 11.18 17.36 -14.06
N VAL A 374 11.14 16.01 -13.73
CA VAL A 374 12.31 15.15 -13.86
C VAL A 374 11.90 13.89 -14.61
N THR A 375 12.86 13.09 -15.07
CA THR A 375 12.40 11.83 -15.64
C THR A 375 12.54 10.68 -14.64
N ALA A 376 13.39 10.86 -13.60
CA ALA A 376 13.50 9.77 -12.60
C ALA A 376 14.08 10.36 -11.32
N THR A 377 13.97 9.59 -10.21
CA THR A 377 14.45 10.01 -8.88
C THR A 377 15.06 8.80 -8.15
N ALA A 378 15.74 9.03 -7.01
CA ALA A 378 16.17 7.93 -6.13
C ALA A 378 15.30 8.04 -4.85
N ARG A 379 15.06 6.87 -4.17
CA ARG A 379 14.18 6.95 -2.98
C ARG A 379 14.79 5.99 -1.94
N ALA A 380 14.98 6.50 -0.70
CA ALA A 380 15.25 5.67 0.47
C ALA A 380 13.97 5.64 1.30
N SER A 381 13.47 4.44 1.71
CA SER A 381 12.23 4.39 2.44
C SER A 381 12.49 3.48 3.66
N PHE A 382 11.77 3.71 4.77
CA PHE A 382 12.16 3.16 6.06
C PHE A 382 11.01 2.28 6.62
N TYR A 383 11.34 1.47 7.64
CA TYR A 383 10.27 0.76 8.39
C TYR A 383 10.82 0.48 9.77
N LEU A 384 10.16 -0.39 10.55
CA LEU A 384 10.35 -0.54 12.01
C LEU A 384 11.72 -1.11 12.36
N TYR A 385 12.46 -1.71 11.39
CA TYR A 385 13.74 -2.32 11.70
C TYR A 385 14.88 -1.36 11.31
N ASN A 386 14.60 -0.10 10.86
CA ASN A 386 15.74 0.73 10.41
C ASN A 386 16.11 1.73 11.56
N THR A 387 17.33 2.28 11.43
CA THR A 387 17.89 3.07 12.56
C THR A 387 18.56 4.35 12.05
N GLU A 388 18.85 5.25 13.02
CA GLU A 388 19.55 6.48 12.62
C GLU A 388 20.96 6.18 12.09
N GLU A 389 21.62 5.13 12.59
CA GLU A 389 22.97 4.85 12.09
C GLU A 389 22.89 4.50 10.58
N GLU A 390 21.81 3.81 10.15
CA GLU A 390 21.65 3.48 8.73
C GLU A 390 21.44 4.76 7.90
N ILE A 391 20.72 5.75 8.46
CA ILE A 391 20.60 7.03 7.73
C ILE A 391 21.98 7.71 7.66
N ASP A 392 22.79 7.63 8.75
CA ASP A 392 24.15 8.22 8.65
C ASP A 392 24.92 7.53 7.50
N LYS A 393 24.91 6.21 7.44
CA LYS A 393 25.55 5.50 6.32
C LYS A 393 25.08 6.02 4.95
N LEU A 394 23.76 6.25 4.80
CA LEU A 394 23.22 6.70 3.52
C LEU A 394 23.76 8.11 3.19
N VAL A 395 23.72 9.08 4.15
CA VAL A 395 24.17 10.45 3.81
C VAL A 395 25.69 10.45 3.65
N GLU A 396 26.45 9.60 4.38
CA GLU A 396 27.91 9.60 4.13
C GLU A 396 28.17 9.07 2.69
N ALA A 397 27.42 8.05 2.25
CA ALA A 397 27.61 7.44 0.93
C ALA A 397 27.20 8.45 -0.17
N LEU A 398 26.15 9.26 0.09
CA LEU A 398 25.79 10.25 -0.93
C LEU A 398 26.90 11.32 -1.05
N GLN A 399 27.53 11.70 0.08
CA GLN A 399 28.62 12.71 0.00
C GLN A 399 29.73 12.13 -0.88
N LYS A 400 30.10 10.88 -0.65
CA LYS A 400 31.20 10.25 -1.35
C LYS A 400 30.83 10.08 -2.84
N THR A 401 29.53 9.84 -3.12
CA THR A 401 29.08 9.67 -4.50
C THR A 401 29.28 11.00 -5.25
N LYS A 402 28.87 12.09 -4.61
CA LYS A 402 29.01 13.43 -5.18
C LYS A 402 30.50 13.66 -5.49
N GLU A 403 31.38 13.33 -4.54
CA GLU A 403 32.80 13.65 -4.76
C GLU A 403 33.41 12.79 -5.86
N TYR A 404 33.05 11.50 -5.85
CA TYR A 404 33.39 10.54 -6.89
C TYR A 404 33.07 11.07 -8.31
N PHE A 405 31.80 11.46 -8.58
CA PHE A 405 31.40 11.86 -9.93
C PHE A 405 32.05 13.20 -10.31
N THR A 406 32.28 14.05 -9.32
CA THR A 406 32.94 15.31 -9.62
C THR A 406 34.39 15.03 -10.07
N ASN A 407 35.08 14.09 -9.39
CA ASN A 407 36.44 13.64 -9.70
C ASN A 407 36.52 13.00 -11.09
N VAL A 408 35.62 12.03 -11.39
CA VAL A 408 35.39 11.48 -12.73
C VAL A 408 35.36 12.60 -13.80
N PHE A 409 34.50 13.64 -13.65
CA PHE A 409 34.38 14.82 -14.53
C PHE A 409 35.43 15.91 -14.17
#